data_5V37
#
_entry.id   5V37
#
_cell.length_a   60.818
_cell.length_b   65.868
_cell.length_c   107.015
_cell.angle_alpha   90.000
_cell.angle_beta   90.000
_cell.angle_gamma   90.000
#
_symmetry.space_group_name_H-M   'P 21 21 21'
#
loop_
_entity.id
_entity.type
_entity.pdbx_description
1 polymer 'Histone-lysine N-methyltransferase SMYD3'
2 non-polymer 'ZINC ION'
3 non-polymer S-ADENOSYLMETHIONINE
4 non-polymer N-{(3-endo)-8-[(trans-4-aminocyclohexyl)sulfonyl]-8-azabicyclo[3.2.1]octan-3-yl}-5-cyclopropyl-1,2-oxazole-3-carboxamide
5 non-polymer DI(HYDROXYETHYL)ETHER
6 non-polymer 'DIMETHYL SULFOXIDE'
7 non-polymer 1,2-ETHANEDIOL
8 water water
#
_entity_poly.entity_id   1
_entity_poly.type   'polypeptide(L)'
_entity_poly.pdbx_seq_one_letter_code
;MEPLKVEKFATANRGNGLRAVTPLRPGELLFRSDPLAYTVCKGSRGVVCDRCLLGKEKLMRCSQCRVAKYCSAKCQKKAW
PDHKRECKCLKSCKPRYPPDSVRLLGRVVFKLMDGAPSESEKLYSFYDLESNINKLTEDKKEGLRQLVMTFQHFMREEIQ
DASQLPPAFDLFEAFAKVICNSFTICNAEMQEVGVGLYPSISLLNHSCDPNCSIVFNGPHLLLRAVRDIEVGEELTICYL
DMLMTSEERRKQLRDQYCFECDCFRCQTQDKDADMLTGDEQVWKEVQESLKKIEELKAHWKWEQVLAMCQAIISSNSERL
PDINIYQLKVLDCAMDACINLGLLEEALFYGTRTMEPYRIFFPGSHPVRGVQVMKVGKLQLHQGMFPQAMKNLRLAFDIM
RVTHGREHSLIEDLILLLEECDANIRAS
;
_entity_poly.pdbx_strand_id   A
#
loop_
_chem_comp.id
_chem_comp.type
_chem_comp.name
_chem_comp.formula
8WD non-polymer N-{(3-endo)-8-[(trans-4-aminocyclohexyl)sulfonyl]-8-azabicyclo[3.2.1]octan-3-yl}-5-cyclopropyl-1,2-oxazole-3-carboxamide 'C20 H30 N4 O4 S'
DMS non-polymer 'DIMETHYL SULFOXIDE' 'C2 H6 O S'
EDO non-polymer 1,2-ETHANEDIOL 'C2 H6 O2'
PEG non-polymer DI(HYDROXYETHYL)ETHER 'C4 H10 O3'
SAM non-polymer S-ADENOSYLMETHIONINE 'C15 H22 N6 O5 S'
ZN non-polymer 'ZINC ION' 'Zn 2'
#
# COMPACT_ATOMS: atom_id res chain seq x y z
N PRO A 3 11.33 -25.70 3.06
CA PRO A 3 10.67 -25.81 4.34
C PRO A 3 10.40 -24.43 4.92
N LEU A 4 9.41 -24.32 5.81
CA LEU A 4 9.10 -23.00 6.36
C LEU A 4 10.09 -22.56 7.44
N LYS A 5 10.50 -21.30 7.34
CA LYS A 5 11.32 -20.62 8.34
C LYS A 5 10.48 -19.90 9.39
N VAL A 6 9.16 -19.88 9.20
CA VAL A 6 8.25 -19.13 10.07
C VAL A 6 7.13 -20.07 10.53
N GLU A 7 6.52 -19.78 11.68
CA GLU A 7 5.37 -20.57 12.14
C GLU A 7 4.34 -19.72 12.90
N LYS A 8 3.08 -20.12 12.76
CA LYS A 8 1.97 -19.57 13.54
C LYS A 8 2.11 -19.95 15.01
N PHE A 9 1.79 -19.02 15.91
CA PHE A 9 1.74 -19.31 17.34
C PHE A 9 0.78 -18.35 18.05
N ALA A 10 0.31 -18.76 19.21
CA ALA A 10 -0.55 -17.93 20.05
C ALA A 10 0.32 -17.05 20.94
N THR A 11 0.21 -15.72 20.77
CA THR A 11 0.99 -14.79 21.58
C THR A 11 0.32 -14.63 22.95
N ALA A 12 0.99 -13.93 23.85
CA ALA A 12 0.47 -13.68 25.19
C ALA A 12 -0.69 -12.68 25.19
N ASN A 13 -0.55 -11.57 24.45
CA ASN A 13 -1.56 -10.50 24.50
C ASN A 13 -1.83 -9.75 23.19
N ARG A 14 -1.58 -10.40 22.05
CA ARG A 14 -1.87 -9.80 20.74
CA ARG A 14 -1.91 -9.79 20.75
C ARG A 14 -2.35 -10.84 19.73
N GLY A 15 -3.12 -11.81 20.21
CA GLY A 15 -3.75 -12.83 19.39
C GLY A 15 -2.74 -13.79 18.83
N ASN A 16 -3.01 -14.24 17.61
CA ASN A 16 -2.09 -15.10 16.89
C ASN A 16 -0.98 -14.23 16.30
N GLY A 17 0.18 -14.84 16.12
CA GLY A 17 1.32 -14.16 15.49
C GLY A 17 2.18 -15.12 14.71
N LEU A 18 3.27 -14.60 14.18
CA LEU A 18 4.25 -15.38 13.44
C LEU A 18 5.60 -15.24 14.12
N ARG A 19 6.31 -16.35 14.28
CA ARG A 19 7.64 -16.37 14.88
C ARG A 19 8.59 -17.23 14.08
N ALA A 20 9.89 -17.01 14.31
CA ALA A 20 10.93 -17.67 13.53
C ALA A 20 11.15 -19.11 14.02
N VAL A 21 11.26 -20.05 13.09
CA VAL A 21 11.61 -21.44 13.45
C VAL A 21 13.14 -21.65 13.42
N THR A 22 13.84 -20.79 12.68
CA THR A 22 15.30 -20.88 12.50
C THR A 22 15.87 -19.45 12.65
N PRO A 23 17.17 -19.30 12.93
CA PRO A 23 17.68 -17.92 12.92
C PRO A 23 17.53 -17.31 11.53
N LEU A 24 17.20 -16.02 11.50
CA LEU A 24 16.98 -15.31 10.24
C LEU A 24 17.94 -14.13 10.14
N ARG A 25 18.42 -13.88 8.93
CA ARG A 25 19.38 -12.80 8.66
C ARG A 25 18.69 -11.70 7.85
N PRO A 26 19.18 -10.44 7.98
CA PRO A 26 18.64 -9.34 7.16
C PRO A 26 18.61 -9.69 5.67
N GLY A 27 17.46 -9.46 5.02
CA GLY A 27 17.29 -9.77 3.61
C GLY A 27 16.78 -11.15 3.26
N GLU A 28 16.68 -12.04 4.25
CA GLU A 28 16.21 -13.40 4.02
C GLU A 28 14.73 -13.42 3.66
N LEU A 29 14.38 -14.17 2.63
CA LEU A 29 12.99 -14.28 2.20
C LEU A 29 12.26 -15.25 3.11
N LEU A 30 11.22 -14.75 3.77
CA LEU A 30 10.47 -15.52 4.76
C LEU A 30 9.20 -16.16 4.20
N PHE A 31 8.52 -15.44 3.31
CA PHE A 31 7.29 -15.93 2.70
C PHE A 31 6.98 -15.07 1.48
N ARG A 32 6.33 -15.67 0.50
CA ARG A 32 5.83 -14.91 -0.65
C ARG A 32 4.41 -15.32 -0.97
N SER A 33 3.62 -14.41 -1.53
CA SER A 33 2.20 -14.68 -1.72
C SER A 33 1.53 -13.76 -2.74
N ASP A 34 0.72 -14.37 -3.61
CA ASP A 34 -0.28 -13.66 -4.40
C ASP A 34 -1.45 -13.36 -3.47
N PRO A 35 -2.26 -12.35 -3.80
CA PRO A 35 -3.43 -12.12 -2.93
C PRO A 35 -4.47 -13.25 -3.01
N LEU A 36 -5.22 -13.45 -1.92
CA LEU A 36 -6.49 -14.17 -1.98
C LEU A 36 -7.43 -13.43 -2.93
N ALA A 37 -7.48 -12.11 -2.73
CA ALA A 37 -8.24 -11.19 -3.57
C ALA A 37 -7.61 -9.81 -3.52
N TYR A 38 -7.73 -9.07 -4.62
CA TYR A 38 -7.27 -7.69 -4.68
C TYR A 38 -7.98 -6.90 -5.76
N THR A 39 -7.94 -5.59 -5.63
CA THR A 39 -8.48 -4.70 -6.63
C THR A 39 -7.68 -3.41 -6.68
N VAL A 40 -7.81 -2.72 -7.81
CA VAL A 40 -7.29 -1.38 -7.98
C VAL A 40 -7.99 -0.43 -7.00
N CYS A 41 -7.27 0.56 -6.49
CA CYS A 41 -7.85 1.50 -5.51
C CYS A 41 -8.56 2.65 -6.23
N LYS A 42 -9.47 3.31 -5.53
CA LYS A 42 -10.41 4.31 -6.10
C LYS A 42 -9.74 5.31 -7.05
N GLY A 43 -8.66 5.92 -6.59
CA GLY A 43 -7.96 6.94 -7.34
C GLY A 43 -7.17 6.46 -8.56
N SER A 44 -6.74 5.20 -8.52
CA SER A 44 -5.91 4.62 -9.60
C SER A 44 -6.73 3.87 -10.67
N ARG A 45 -8.03 3.79 -10.44
CA ARG A 45 -8.96 3.19 -11.37
C ARG A 45 -8.93 3.90 -12.71
N GLY A 46 -8.68 3.14 -13.78
CA GLY A 46 -8.57 3.71 -15.12
C GLY A 46 -7.24 4.38 -15.39
N VAL A 47 -6.33 4.35 -14.41
CA VAL A 47 -4.97 4.90 -14.55
C VAL A 47 -3.96 3.75 -14.62
N VAL A 48 -4.08 2.76 -13.74
CA VAL A 48 -3.27 1.53 -13.81
C VAL A 48 -4.10 0.34 -14.26
N CYS A 49 -3.39 -0.70 -14.69
CA CYS A 49 -4.01 -1.94 -15.13
C CYS A 49 -4.62 -2.67 -13.94
N ASP A 50 -5.89 -3.09 -14.08
CA ASP A 50 -6.60 -3.85 -13.03
C ASP A 50 -5.82 -5.08 -12.54
N ARG A 51 -5.17 -5.78 -13.48
N ARG A 51 -5.19 -5.80 -13.47
CA ARG A 51 -4.47 -7.04 -13.21
CA ARG A 51 -4.46 -7.01 -13.13
C ARG A 51 -3.06 -6.85 -12.63
C ARG A 51 -3.08 -6.71 -12.55
N CYS A 52 -2.17 -6.21 -13.39
CA CYS A 52 -0.75 -6.07 -12.99
C CYS A 52 -0.40 -4.80 -12.19
N LEU A 53 -1.34 -3.85 -12.09
CA LEU A 53 -1.17 -2.60 -11.30
C LEU A 53 -0.02 -1.69 -11.78
N LEU A 54 0.30 -1.79 -13.07
CA LEU A 54 1.26 -0.91 -13.74
C LEU A 54 0.52 0.15 -14.53
N GLY A 55 1.10 1.34 -14.57
CA GLY A 55 0.59 2.43 -15.37
C GLY A 55 0.91 2.23 -16.83
N LYS A 56 0.07 2.80 -17.68
CA LYS A 56 0.28 2.79 -19.11
C LYS A 56 -0.46 3.97 -19.71
N GLU A 57 0.07 4.48 -20.82
CA GLU A 57 -0.36 5.77 -21.38
C GLU A 57 -1.86 5.75 -21.66
N LYS A 58 -2.32 4.66 -22.25
CA LYS A 58 -3.76 4.40 -22.42
C LYS A 58 -4.07 2.90 -22.24
N LEU A 59 -5.16 2.64 -21.53
CA LEU A 59 -5.59 1.28 -21.15
C LEU A 59 -6.77 0.82 -21.99
N MET A 60 -6.90 -0.51 -22.11
CA MET A 60 -8.01 -1.15 -22.82
C MET A 60 -9.06 -1.51 -21.79
N ARG A 61 -10.27 -0.98 -21.95
CA ARG A 61 -11.35 -1.26 -20.98
C ARG A 61 -12.14 -2.53 -21.34
N CYS A 62 -12.66 -3.21 -20.32
N CYS A 62 -12.71 -3.13 -20.32
CA CYS A 62 -13.49 -4.44 -20.52
CA CYS A 62 -13.71 -4.18 -20.50
C CYS A 62 -14.81 -4.04 -21.15
C CYS A 62 -14.92 -3.56 -21.16
N SER A 63 -15.15 -4.68 -22.26
N SER A 63 -15.28 -4.08 -22.32
CA SER A 63 -16.34 -4.31 -23.00
CA SER A 63 -16.40 -3.52 -23.06
C SER A 63 -17.56 -4.80 -22.28
C SER A 63 -17.70 -3.72 -22.29
N GLN A 64 -17.44 -6.03 -21.82
N GLN A 64 -17.80 -4.84 -21.57
CA GLN A 64 -18.54 -6.83 -21.29
CA GLN A 64 -19.04 -5.15 -20.82
C GLN A 64 -19.13 -6.23 -20.01
C GLN A 64 -19.36 -4.08 -19.76
N CYS A 65 -18.41 -5.28 -19.43
N CYS A 65 -18.47 -3.91 -18.79
CA CYS A 65 -18.93 -4.44 -18.34
CA CYS A 65 -18.72 -2.98 -17.69
C CYS A 65 -18.46 -3.01 -18.60
C CYS A 65 -18.10 -1.60 -17.92
N ARG A 66 -17.25 -2.90 -19.14
N ARG A 66 -16.99 -1.56 -18.65
CA ARG A 66 -16.72 -1.60 -19.52
CA ARG A 66 -16.27 -0.31 -18.94
C ARG A 66 -16.46 -0.73 -18.28
C ARG A 66 -15.71 0.35 -17.68
N VAL A 67 -15.75 -1.30 -17.32
N VAL A 67 -15.55 -0.43 -16.63
CA VAL A 67 -15.35 -0.59 -16.09
CA VAL A 67 -14.96 0.06 -15.38
C VAL A 67 -13.90 -0.93 -15.74
C VAL A 67 -13.60 -0.60 -15.15
N ALA A 68 -13.61 -2.23 -15.70
N ALA A 68 -13.53 -1.91 -15.37
CA ALA A 68 -12.24 -2.71 -15.51
CA ALA A 68 -12.24 -2.59 -15.43
C ALA A 68 -11.40 -2.31 -16.71
C ALA A 68 -11.46 -2.11 -16.66
N LYS A 69 -10.16 -1.87 -16.46
CA LYS A 69 -9.25 -1.44 -17.54
C LYS A 69 -7.92 -2.16 -17.43
N TYR A 70 -7.29 -2.43 -18.57
CA TYR A 70 -6.14 -3.33 -18.66
C TYR A 70 -5.04 -2.76 -19.54
N CYS A 71 -3.79 -3.17 -19.28
CA CYS A 71 -2.62 -2.70 -20.05
C CYS A 71 -2.44 -3.45 -21.37
N SER A 72 -3.03 -4.64 -21.47
CA SER A 72 -2.74 -5.56 -22.56
C SER A 72 -3.86 -6.59 -22.65
N ALA A 73 -3.97 -7.25 -23.79
CA ALA A 73 -4.91 -8.36 -23.96
C ALA A 73 -4.53 -9.55 -23.07
N LYS A 74 -3.24 -9.73 -22.82
CA LYS A 74 -2.75 -10.74 -21.87
C LYS A 74 -3.39 -10.58 -20.48
N CYS A 75 -3.32 -9.38 -19.93
CA CYS A 75 -3.87 -9.09 -18.60
C CYS A 75 -5.39 -9.17 -18.58
N GLN A 76 -6.03 -8.57 -19.59
CA GLN A 76 -7.51 -8.58 -19.69
C GLN A 76 -8.03 -10.02 -19.70
N LYS A 77 -7.40 -10.88 -20.50
CA LYS A 77 -7.80 -12.28 -20.56
C LYS A 77 -7.46 -13.01 -19.26
N LYS A 78 -6.24 -12.84 -18.74
CA LYS A 78 -5.84 -13.54 -17.50
C LYS A 78 -6.64 -13.09 -16.24
N ALA A 79 -7.17 -11.87 -16.27
CA ALA A 79 -8.03 -11.36 -15.20
C ALA A 79 -9.48 -11.83 -15.28
N TRP A 80 -9.90 -12.39 -16.42
CA TRP A 80 -11.31 -12.67 -16.65
C TRP A 80 -11.96 -13.60 -15.61
N PRO A 81 -11.28 -14.69 -15.21
CA PRO A 81 -11.84 -15.60 -14.19
C PRO A 81 -12.25 -14.94 -12.87
N ASP A 82 -11.39 -14.09 -12.34
CA ASP A 82 -11.66 -13.35 -11.10
C ASP A 82 -12.41 -12.04 -11.32
N HIS A 83 -12.64 -11.68 -12.58
CA HIS A 83 -13.45 -10.51 -12.95
C HIS A 83 -14.87 -10.84 -13.44
N LYS A 84 -15.13 -12.04 -13.92
N LYS A 84 -15.08 -12.08 -13.86
CA LYS A 84 -16.39 -12.32 -14.65
CA LYS A 84 -16.29 -12.52 -14.56
C LYS A 84 -17.65 -12.06 -13.83
C LYS A 84 -17.60 -12.16 -13.85
N ARG A 85 -17.65 -12.46 -12.56
CA ARG A 85 -18.86 -12.28 -11.74
C ARG A 85 -19.07 -10.83 -11.27
N GLU A 86 -17.98 -10.17 -10.90
N GLU A 86 -18.00 -10.08 -11.00
CA GLU A 86 -18.02 -8.75 -10.57
CA GLU A 86 -18.14 -8.66 -10.60
C GLU A 86 -18.28 -7.98 -11.87
C GLU A 86 -18.52 -7.72 -11.76
N CYS A 87 -17.93 -8.58 -13.00
N CYS A 87 -18.19 -8.14 -12.98
CA CYS A 87 -18.29 -8.00 -14.28
CA CYS A 87 -18.34 -7.28 -14.15
C CYS A 87 -19.79 -7.82 -14.38
C CYS A 87 -19.74 -6.67 -14.26
N LYS A 88 -20.54 -8.90 -14.14
N LYS A 88 -20.77 -7.49 -14.22
CA LYS A 88 -21.99 -8.85 -14.16
CA LYS A 88 -22.14 -7.00 -14.38
C LYS A 88 -22.52 -7.83 -13.14
C LYS A 88 -22.55 -6.13 -13.20
N CYS A 89 -21.85 -7.70 -12.00
N CYS A 89 -21.99 -6.40 -12.02
CA CYS A 89 -22.27 -6.78 -10.94
CA CYS A 89 -22.23 -5.58 -10.85
C CYS A 89 -21.96 -5.32 -11.27
C CYS A 89 -21.70 -4.16 -11.06
N LEU A 90 -20.70 -5.03 -11.58
N LEU A 90 -20.45 -4.05 -11.49
CA LEU A 90 -20.29 -3.66 -11.92
CA LEU A 90 -19.79 -2.77 -11.73
C LEU A 90 -21.17 -3.09 -13.02
C LEU A 90 -20.60 -1.89 -12.66
N LYS A 91 -21.59 -3.96 -13.93
N LYS A 91 -21.17 -2.52 -13.69
CA LYS A 91 -22.41 -3.53 -15.06
CA LYS A 91 -21.88 -1.81 -14.75
C LYS A 91 -23.83 -3.18 -14.64
C LYS A 91 -23.20 -1.20 -14.25
N SER A 92 -24.42 -4.00 -13.76
N SER A 92 -23.88 -1.94 -13.39
CA SER A 92 -25.72 -3.65 -13.17
CA SER A 92 -25.22 -1.56 -12.96
C SER A 92 -25.58 -2.34 -12.43
C SER A 92 -25.18 -0.32 -12.06
N CYS A 93 -24.58 -2.29 -11.56
N CYS A 93 -24.09 -0.16 -11.34
CA CYS A 93 -24.22 -1.11 -10.80
CA CYS A 93 -23.98 0.93 -10.37
C CYS A 93 -24.24 0.10 -11.70
C CYS A 93 -23.45 2.24 -10.98
N LYS A 94 -23.43 0.04 -12.76
N LYS A 94 -22.84 2.17 -12.16
CA LYS A 94 -23.27 1.15 -13.68
CA LYS A 94 -22.40 3.38 -12.87
C LYS A 94 -24.57 1.93 -13.69
C LYS A 94 -23.43 4.50 -12.75
N PRO A 95 -24.50 3.23 -13.33
N PRO A 95 -22.97 5.76 -12.55
CA PRO A 95 -23.25 3.98 -13.19
CA PRO A 95 -21.59 6.23 -12.46
C PRO A 95 -22.65 4.19 -11.78
C PRO A 95 -21.01 6.09 -11.07
N ARG A 96 -22.93 3.33 -10.80
N ARG A 96 -21.84 5.76 -10.08
CA ARG A 96 -22.33 3.56 -9.48
CA ARG A 96 -21.35 5.57 -8.74
C ARG A 96 -21.06 2.77 -9.24
C ARG A 96 -20.62 4.21 -8.65
N TYR A 97 -20.10 3.42 -8.58
N TYR A 97 -19.44 4.23 -8.04
CA TYR A 97 -18.87 2.76 -8.18
CA TYR A 97 -18.54 3.09 -7.96
C TYR A 97 -18.85 2.53 -6.66
C TYR A 97 -18.54 2.63 -6.50
N PRO A 98 -18.51 1.30 -6.22
CA PRO A 98 -18.55 0.96 -4.79
C PRO A 98 -17.27 1.35 -4.04
N PRO A 99 -17.33 1.43 -2.69
CA PRO A 99 -16.10 1.56 -1.91
C PRO A 99 -15.14 0.43 -2.24
N ASP A 100 -13.84 0.70 -2.17
CA ASP A 100 -12.82 -0.32 -2.45
C ASP A 100 -13.04 -1.60 -1.65
N SER A 101 -13.43 -1.45 -0.38
CA SER A 101 -13.65 -2.60 0.50
C SER A 101 -14.77 -3.53 0.02
N VAL A 102 -15.79 -2.94 -0.61
CA VAL A 102 -16.93 -3.69 -1.15
C VAL A 102 -16.50 -4.51 -2.37
N ARG A 103 -15.83 -3.85 -3.32
CA ARG A 103 -15.29 -4.56 -4.49
C ARG A 103 -14.31 -5.66 -4.07
N LEU A 104 -13.47 -5.36 -3.09
CA LEU A 104 -12.54 -6.34 -2.53
C LEU A 104 -13.26 -7.56 -1.95
N LEU A 105 -14.25 -7.31 -1.09
CA LEU A 105 -14.98 -8.43 -0.47
C LEU A 105 -15.76 -9.25 -1.50
N GLY A 106 -16.30 -8.58 -2.51
CA GLY A 106 -16.87 -9.27 -3.68
C GLY A 106 -15.95 -10.33 -4.24
N ARG A 107 -14.72 -9.93 -4.52
CA ARG A 107 -13.71 -10.85 -5.05
C ARG A 107 -13.30 -11.93 -4.05
N VAL A 108 -13.31 -11.62 -2.75
CA VAL A 108 -13.10 -12.64 -1.72
C VAL A 108 -14.17 -13.73 -1.81
N VAL A 109 -15.42 -13.30 -1.86
CA VAL A 109 -16.55 -14.24 -1.87
C VAL A 109 -16.49 -15.13 -3.13
N PHE A 110 -16.22 -14.53 -4.29
CA PHE A 110 -16.10 -15.32 -5.53
C PHE A 110 -14.94 -16.31 -5.49
N LYS A 111 -13.80 -15.90 -4.97
CA LYS A 111 -12.64 -16.78 -4.83
C LYS A 111 -12.96 -17.95 -3.90
N LEU A 112 -13.62 -17.66 -2.78
CA LEU A 112 -13.98 -18.72 -1.82
C LEU A 112 -15.06 -19.67 -2.33
N MET A 113 -15.97 -19.15 -3.15
CA MET A 113 -17.05 -19.98 -3.71
C MET A 113 -16.65 -20.78 -4.95
N ASP A 114 -15.85 -20.18 -5.83
CA ASP A 114 -15.54 -20.75 -7.15
C ASP A 114 -14.09 -21.23 -7.36
N GLY A 115 -13.16 -20.72 -6.57
CA GLY A 115 -11.73 -21.00 -6.76
C GLY A 115 -11.23 -22.16 -5.93
N ALA A 116 -10.13 -22.74 -6.40
CA ALA A 116 -9.41 -23.76 -5.63
C ALA A 116 -8.84 -23.12 -4.35
N PRO A 117 -8.53 -23.94 -3.34
CA PRO A 117 -7.97 -23.39 -2.10
C PRO A 117 -6.67 -22.65 -2.39
N SER A 118 -6.59 -21.41 -1.89
CA SER A 118 -5.54 -20.48 -2.29
C SER A 118 -4.24 -20.71 -1.51
N GLU A 119 -3.11 -20.59 -2.20
CA GLU A 119 -1.78 -20.63 -1.55
C GLU A 119 -1.62 -19.50 -0.53
N SER A 120 -2.26 -18.35 -0.79
CA SER A 120 -2.30 -17.23 0.16
C SER A 120 -2.82 -17.60 1.56
N GLU A 121 -3.61 -18.65 1.66
CA GLU A 121 -4.19 -19.12 2.93
C GLU A 121 -3.45 -20.28 3.62
N LYS A 122 -2.20 -20.56 3.20
CA LYS A 122 -1.43 -21.70 3.72
C LYS A 122 -1.29 -21.72 5.25
N LEU A 123 -0.92 -20.58 5.84
CA LEU A 123 -0.69 -20.47 7.29
C LEU A 123 -1.92 -20.06 8.09
N TYR A 124 -2.83 -19.37 7.43
CA TYR A 124 -3.92 -18.65 8.08
C TYR A 124 -4.92 -18.30 6.97
N SER A 125 -6.20 -18.58 7.19
CA SER A 125 -7.23 -18.38 6.16
C SER A 125 -8.10 -17.17 6.46
N PHE A 126 -8.92 -16.78 5.49
CA PHE A 126 -9.87 -15.69 5.69
C PHE A 126 -10.83 -16.00 6.84
N TYR A 127 -11.23 -17.26 6.96
CA TYR A 127 -12.05 -17.74 8.09
C TYR A 127 -11.40 -17.44 9.46
N ASP A 128 -10.07 -17.56 9.53
CA ASP A 128 -9.30 -17.36 10.76
C ASP A 128 -9.02 -15.91 11.16
N LEU A 129 -9.23 -14.95 10.25
CA LEU A 129 -8.75 -13.58 10.48
C LEU A 129 -9.40 -12.91 11.69
N GLU A 130 -8.65 -12.04 12.34
CA GLU A 130 -9.13 -11.25 13.47
C GLU A 130 -10.15 -10.25 12.97
N SER A 131 -11.27 -10.16 13.68
CA SER A 131 -12.32 -9.19 13.39
C SER A 131 -12.42 -8.04 14.40
N ASN A 132 -11.92 -8.25 15.63
CA ASN A 132 -12.00 -7.27 16.72
C ASN A 132 -13.44 -6.85 17.03
N ILE A 133 -14.40 -7.74 16.83
CA ILE A 133 -15.82 -7.34 16.94
C ILE A 133 -16.16 -6.83 18.33
N ASN A 134 -15.59 -7.46 19.36
CA ASN A 134 -15.82 -7.03 20.74
C ASN A 134 -15.16 -5.71 21.15
N LYS A 135 -14.30 -5.15 20.28
CA LYS A 135 -13.72 -3.83 20.50
C LYS A 135 -14.30 -2.70 19.64
N LEU A 136 -15.20 -3.04 18.71
CA LEU A 136 -15.76 -2.04 17.80
C LEU A 136 -16.63 -1.03 18.57
N THR A 137 -16.47 0.25 18.29
CA THR A 137 -17.34 1.29 18.82
C THR A 137 -18.66 1.29 18.05
N GLU A 138 -19.67 1.95 18.60
N GLU A 138 -19.68 1.94 18.61
CA GLU A 138 -20.98 2.06 17.95
CA GLU A 138 -20.98 2.05 17.94
C GLU A 138 -20.89 2.83 16.63
C GLU A 138 -20.89 2.82 16.63
N ASP A 139 -20.03 3.84 16.60
CA ASP A 139 -19.76 4.62 15.39
C ASP A 139 -19.22 3.73 14.25
N LYS A 140 -18.27 2.85 14.60
N LYS A 140 -18.27 2.84 14.59
CA LYS A 140 -17.68 1.91 13.64
CA LYS A 140 -17.70 1.93 13.59
C LYS A 140 -18.66 0.84 13.17
C LYS A 140 -18.67 0.83 13.16
N LYS A 141 -19.49 0.34 14.09
CA LYS A 141 -20.50 -0.65 13.75
C LYS A 141 -21.52 -0.13 12.75
N GLU A 142 -21.91 1.13 12.95
CA GLU A 142 -22.83 1.82 12.04
C GLU A 142 -22.24 1.89 10.62
N GLY A 143 -20.96 2.27 10.52
CA GLY A 143 -20.23 2.24 9.25
C GLY A 143 -20.18 0.85 8.62
N LEU A 144 -19.97 -0.18 9.42
CA LEU A 144 -19.94 -1.55 8.92
C LEU A 144 -21.30 -2.04 8.44
N ARG A 145 -22.36 -1.63 9.12
CA ARG A 145 -23.73 -1.91 8.67
C ARG A 145 -24.04 -1.32 7.29
N GLN A 146 -23.54 -0.10 7.05
CA GLN A 146 -23.69 0.55 5.74
C GLN A 146 -22.91 -0.19 4.65
N LEU A 147 -21.69 -0.63 4.96
CA LEU A 147 -20.92 -1.47 4.03
C LEU A 147 -21.64 -2.78 3.70
N VAL A 148 -22.29 -3.41 4.68
CA VAL A 148 -23.04 -4.65 4.41
C VAL A 148 -24.17 -4.40 3.42
N MET A 149 -24.91 -3.33 3.62
CA MET A 149 -26.03 -2.99 2.73
C MET A 149 -25.54 -2.55 1.35
N THR A 150 -24.41 -1.83 1.31
CA THR A 150 -23.74 -1.51 0.04
C THR A 150 -23.33 -2.76 -0.73
N PHE A 151 -22.78 -3.74 -0.03
CA PHE A 151 -22.39 -5.02 -0.62
C PHE A 151 -23.61 -5.75 -1.17
N GLN A 152 -24.67 -5.85 -0.36
CA GLN A 152 -25.90 -6.54 -0.75
C GLN A 152 -26.51 -5.94 -2.03
N HIS A 153 -26.49 -4.61 -2.11
CA HIS A 153 -26.97 -3.88 -3.27
C HIS A 153 -26.08 -4.11 -4.50
N PHE A 154 -24.78 -3.90 -4.32
CA PHE A 154 -23.77 -4.10 -5.36
C PHE A 154 -23.82 -5.49 -6.00
N MET A 155 -23.97 -6.52 -5.16
N MET A 155 -24.02 -6.49 -5.15
CA MET A 155 -23.93 -7.92 -5.59
CA MET A 155 -23.94 -7.90 -5.54
C MET A 155 -25.30 -8.56 -5.86
C MET A 155 -25.31 -8.57 -5.75
N ARG A 156 -26.37 -7.77 -5.89
CA ARG A 156 -27.73 -8.33 -6.02
C ARG A 156 -27.97 -9.13 -7.33
N GLU A 157 -27.18 -8.87 -8.37
CA GLU A 157 -27.20 -9.72 -9.58
C GLU A 157 -26.62 -11.11 -9.37
N GLU A 158 -25.50 -11.20 -8.67
CA GLU A 158 -24.75 -12.47 -8.50
C GLU A 158 -25.06 -13.26 -7.23
N ILE A 159 -25.35 -12.56 -6.14
CA ILE A 159 -25.57 -13.17 -4.84
C ILE A 159 -26.92 -12.68 -4.30
N GLN A 160 -27.91 -13.58 -4.27
CA GLN A 160 -29.25 -13.26 -3.74
C GLN A 160 -29.55 -13.91 -2.37
N ASP A 161 -28.97 -15.07 -2.09
CA ASP A 161 -29.21 -15.77 -0.81
C ASP A 161 -27.94 -16.44 -0.24
N ALA A 162 -28.07 -16.97 0.98
CA ALA A 162 -26.97 -17.55 1.74
C ALA A 162 -26.27 -18.75 1.10
N SER A 163 -26.94 -19.46 0.19
CA SER A 163 -26.32 -20.59 -0.53
C SER A 163 -25.17 -20.15 -1.45
N GLN A 164 -25.17 -18.87 -1.83
CA GLN A 164 -24.14 -18.29 -2.70
C GLN A 164 -23.02 -17.58 -1.93
N LEU A 165 -23.10 -17.59 -0.59
CA LEU A 165 -21.96 -17.25 0.27
C LEU A 165 -21.41 -18.53 0.86
N PRO A 166 -20.17 -18.49 1.40
CA PRO A 166 -19.64 -19.67 2.09
C PRO A 166 -20.50 -20.09 3.29
N PRO A 167 -20.37 -21.34 3.77
CA PRO A 167 -21.25 -21.80 4.86
C PRO A 167 -21.14 -20.94 6.12
N ALA A 168 -22.28 -20.44 6.60
CA ALA A 168 -22.37 -19.53 7.76
C ALA A 168 -21.49 -18.29 7.64
N PHE A 169 -21.37 -17.75 6.41
CA PHE A 169 -20.61 -16.53 6.16
C PHE A 169 -21.43 -15.34 6.67
N ASP A 170 -20.77 -14.48 7.46
N ASP A 170 -20.74 -14.45 7.40
CA ASP A 170 -21.39 -13.28 7.99
CA ASP A 170 -21.33 -13.29 8.04
C ASP A 170 -20.70 -12.07 7.38
C ASP A 170 -20.71 -12.02 7.44
N LEU A 171 -21.47 -11.27 6.65
CA LEU A 171 -20.94 -10.08 5.95
C LEU A 171 -20.41 -8.98 6.86
N PHE A 172 -21.10 -8.73 7.96
CA PHE A 172 -20.64 -7.76 8.97
C PHE A 172 -19.27 -8.14 9.52
N GLU A 173 -19.11 -9.41 9.85
CA GLU A 173 -17.86 -9.97 10.36
C GLU A 173 -16.77 -9.90 9.29
N ALA A 174 -17.17 -10.24 8.06
CA ALA A 174 -16.26 -10.17 6.92
C ALA A 174 -15.69 -8.77 6.71
N PHE A 175 -16.53 -7.75 6.73
CA PHE A 175 -16.06 -6.36 6.64
C PHE A 175 -15.23 -5.92 7.85
N ALA A 176 -15.58 -6.42 9.04
CA ALA A 176 -14.73 -6.20 10.21
C ALA A 176 -13.32 -6.77 10.01
N LYS A 177 -13.23 -7.97 9.44
CA LYS A 177 -11.93 -8.56 9.10
C LYS A 177 -11.19 -7.72 8.07
N VAL A 178 -11.91 -7.22 7.07
CA VAL A 178 -11.29 -6.42 6.00
C VAL A 178 -10.62 -5.13 6.51
N ILE A 179 -11.26 -4.41 7.42
N ILE A 179 -11.29 -4.41 7.42
CA ILE A 179 -10.73 -3.13 7.91
CA ILE A 179 -10.77 -3.17 7.99
C ILE A 179 -9.41 -3.28 8.69
C ILE A 179 -9.39 -3.32 8.62
N CYS A 180 -9.22 -4.37 9.44
CA CYS A 180 -7.97 -4.59 10.18
C CYS A 180 -7.02 -5.61 9.56
N ASN A 181 -7.34 -6.14 8.37
CA ASN A 181 -6.42 -7.05 7.64
C ASN A 181 -6.06 -6.69 6.18
N SER A 182 -6.67 -5.64 5.63
N SER A 182 -6.70 -5.68 5.59
CA SER A 182 -6.41 -5.20 4.26
CA SER A 182 -6.40 -5.35 4.19
C SER A 182 -5.03 -4.57 4.13
C SER A 182 -5.09 -4.56 4.08
N PHE A 183 -4.35 -4.87 3.03
CA PHE A 183 -3.06 -4.26 2.72
C PHE A 183 -3.23 -3.28 1.56
N THR A 184 -2.67 -2.09 1.71
CA THR A 184 -2.54 -1.13 0.62
C THR A 184 -1.38 -1.58 -0.24
N ILE A 185 -1.66 -1.89 -1.50
CA ILE A 185 -0.66 -2.33 -2.46
C ILE A 185 -0.05 -1.09 -3.08
N CYS A 186 1.26 -0.94 -2.95
CA CYS A 186 1.97 0.19 -3.54
C CYS A 186 2.79 -0.30 -4.73
N ASN A 187 2.92 0.56 -5.73
CA ASN A 187 3.76 0.22 -6.90
C ASN A 187 5.25 0.41 -6.58
N ALA A 188 6.10 0.08 -7.56
CA ALA A 188 7.56 0.21 -7.41
C ALA A 188 8.00 1.59 -6.94
N GLU A 189 7.26 2.63 -7.33
CA GLU A 189 7.51 4.02 -6.97
C GLU A 189 6.87 4.44 -5.62
N MET A 190 6.34 3.48 -4.88
CA MET A 190 5.68 3.71 -3.58
C MET A 190 4.44 4.61 -3.65
N GLN A 191 3.74 4.55 -4.78
CA GLN A 191 2.44 5.19 -4.92
C GLN A 191 1.37 4.13 -4.72
N GLU A 192 0.34 4.48 -3.97
CA GLU A 192 -0.77 3.56 -3.69
C GLU A 192 -1.53 3.25 -4.98
N VAL A 193 -1.66 1.98 -5.30
CA VAL A 193 -2.37 1.53 -6.52
C VAL A 193 -3.47 0.48 -6.33
N GLY A 194 -3.48 -0.20 -5.18
CA GLY A 194 -4.43 -1.29 -4.96
C GLY A 194 -4.70 -1.54 -3.51
N VAL A 195 -5.60 -2.48 -3.28
CA VAL A 195 -5.86 -3.02 -1.95
C VAL A 195 -6.07 -4.52 -2.10
N GLY A 196 -5.55 -5.30 -1.16
CA GLY A 196 -5.67 -6.75 -1.19
C GLY A 196 -5.65 -7.41 0.18
N LEU A 197 -6.02 -8.70 0.18
CA LEU A 197 -5.98 -9.55 1.36
C LEU A 197 -4.98 -10.65 1.12
N TYR A 198 -4.10 -10.84 2.11
CA TYR A 198 -3.06 -11.84 2.10
C TYR A 198 -3.12 -12.52 3.48
N PRO A 199 -3.99 -13.52 3.61
CA PRO A 199 -4.30 -14.02 4.95
C PRO A 199 -3.15 -14.62 5.75
N SER A 200 -2.20 -15.31 5.10
CA SER A 200 -1.01 -15.82 5.80
C SER A 200 -0.16 -14.68 6.35
N ILE A 201 -0.05 -13.60 5.58
CA ILE A 201 0.74 -12.41 5.93
C ILE A 201 0.04 -11.63 7.05
N SER A 202 -1.28 -11.75 7.09
CA SER A 202 -2.09 -11.19 8.19
C SER A 202 -1.79 -11.71 9.60
N LEU A 203 -1.03 -12.79 9.73
CA LEU A 203 -0.55 -13.21 11.05
C LEU A 203 0.41 -12.23 11.71
N LEU A 204 1.14 -11.44 10.91
CA LEU A 204 2.14 -10.52 11.44
C LEU A 204 1.53 -9.39 12.26
N ASN A 205 1.96 -9.29 13.52
CA ASN A 205 1.59 -8.17 14.38
C ASN A 205 2.43 -6.93 14.11
N HIS A 206 1.98 -5.81 14.64
CA HIS A 206 2.55 -4.48 14.39
C HIS A 206 3.68 -4.15 15.35
N SER A 207 4.70 -3.45 14.85
CA SER A 207 5.63 -2.70 15.70
C SER A 207 6.01 -1.40 15.01
N CYS A 208 6.19 -0.34 15.79
CA CYS A 208 6.67 0.94 15.25
C CYS A 208 8.18 0.91 14.96
N ASP A 209 8.83 -0.19 15.32
CA ASP A 209 10.23 -0.47 15.01
C ASP A 209 10.37 -1.97 14.73
N PRO A 210 9.94 -2.41 13.53
CA PRO A 210 9.76 -3.82 13.23
C PRO A 210 11.04 -4.55 12.83
N ASN A 211 10.99 -5.88 12.85
CA ASN A 211 12.11 -6.72 12.40
C ASN A 211 11.93 -7.33 11.00
N CYS A 212 10.74 -7.18 10.42
CA CYS A 212 10.48 -7.56 9.04
C CYS A 212 9.81 -6.43 8.30
N SER A 213 9.73 -6.60 6.98
CA SER A 213 9.04 -5.67 6.10
CA SER A 213 8.97 -5.69 6.13
C SER A 213 8.43 -6.42 4.92
N ILE A 214 7.32 -5.89 4.41
CA ILE A 214 6.68 -6.41 3.22
C ILE A 214 7.04 -5.48 2.08
N VAL A 215 7.04 -6.03 0.89
CA VAL A 215 7.25 -5.24 -0.31
C VAL A 215 6.44 -5.85 -1.45
N PHE A 216 5.83 -4.99 -2.26
CA PHE A 216 4.98 -5.40 -3.36
C PHE A 216 5.71 -5.32 -4.70
N ASN A 217 5.54 -6.37 -5.50
CA ASN A 217 5.97 -6.43 -6.88
C ASN A 217 4.70 -6.72 -7.67
N GLY A 218 4.07 -5.66 -8.18
CA GLY A 218 2.71 -5.75 -8.68
C GLY A 218 1.77 -6.17 -7.55
N PRO A 219 0.86 -7.13 -7.80
CA PRO A 219 0.06 -7.67 -6.68
C PRO A 219 0.81 -8.65 -5.75
N HIS A 220 1.99 -9.12 -6.17
CA HIS A 220 2.73 -10.12 -5.43
C HIS A 220 3.47 -9.49 -4.24
N LEU A 221 3.44 -10.17 -3.09
CA LEU A 221 3.97 -9.64 -1.83
C LEU A 221 5.14 -10.50 -1.40
N LEU A 222 6.27 -9.86 -1.08
CA LEU A 222 7.43 -10.54 -0.50
C LEU A 222 7.59 -10.08 0.94
N LEU A 223 7.72 -11.04 1.86
CA LEU A 223 8.00 -10.78 3.27
C LEU A 223 9.47 -11.10 3.53
N ARG A 224 10.22 -10.11 4.02
CA ARG A 224 11.65 -10.29 4.29
C ARG A 224 12.02 -9.82 5.69
N ALA A 225 13.02 -10.47 6.27
CA ALA A 225 13.63 -10.01 7.52
C ALA A 225 14.47 -8.77 7.22
N VAL A 226 14.38 -7.76 8.08
CA VAL A 226 15.23 -6.55 7.98
C VAL A 226 16.14 -6.33 9.20
N ARG A 227 16.17 -7.31 10.11
CA ARG A 227 17.09 -7.39 11.24
C ARG A 227 17.46 -8.84 11.44
N ASP A 228 18.44 -9.10 12.29
CA ASP A 228 18.71 -10.45 12.77
C ASP A 228 17.54 -10.86 13.67
N ILE A 229 17.06 -12.08 13.51
CA ILE A 229 15.94 -12.59 14.31
C ILE A 229 16.31 -13.98 14.84
N GLU A 230 16.10 -14.19 16.14
CA GLU A 230 16.43 -15.46 16.81
C GLU A 230 15.27 -16.44 16.72
N VAL A 231 15.59 -17.73 16.89
CA VAL A 231 14.54 -18.76 16.95
CA VAL A 231 14.56 -18.78 16.99
C VAL A 231 13.54 -18.42 18.08
N GLY A 232 12.26 -18.50 17.75
CA GLY A 232 11.17 -18.18 18.70
C GLY A 232 10.77 -16.71 18.80
N GLU A 233 11.55 -15.81 18.21
CA GLU A 233 11.27 -14.38 18.30
C GLU A 233 10.11 -14.04 17.38
N GLU A 234 9.21 -13.19 17.86
CA GLU A 234 8.05 -12.77 17.07
C GLU A 234 8.46 -11.89 15.89
N LEU A 235 7.88 -12.18 14.72
CA LEU A 235 8.07 -11.39 13.52
C LEU A 235 7.06 -10.26 13.51
N THR A 236 7.54 -9.04 13.26
CA THR A 236 6.70 -7.86 13.25
C THR A 236 6.93 -7.04 11.98
N ILE A 237 5.89 -6.34 11.54
CA ILE A 237 5.99 -5.33 10.49
C ILE A 237 5.40 -4.06 11.03
N CYS A 238 5.77 -2.92 10.44
CA CYS A 238 5.11 -1.67 10.75
C CYS A 238 3.97 -1.45 9.75
N TYR A 239 2.75 -1.47 10.27
CA TYR A 239 1.54 -1.27 9.48
C TYR A 239 1.41 0.14 8.92
N LEU A 240 2.15 1.10 9.50
CA LEU A 240 1.92 2.51 9.23
C LEU A 240 3.06 3.21 8.50
N ASP A 241 2.66 4.29 7.81
CA ASP A 241 3.53 5.35 7.31
C ASP A 241 4.47 5.80 8.43
N MET A 242 5.77 5.85 8.14
CA MET A 242 6.77 6.26 9.14
C MET A 242 6.69 7.72 9.53
N LEU A 243 6.16 8.57 8.65
CA LEU A 243 6.03 9.99 8.91
C LEU A 243 4.74 10.31 9.65
N MET A 244 4.69 9.83 10.90
CA MET A 244 3.57 10.02 11.82
C MET A 244 4.10 10.17 13.23
N THR A 245 3.49 11.09 13.98
CA THR A 245 3.78 11.25 15.40
C THR A 245 3.14 10.10 16.17
N SER A 246 3.57 9.90 17.40
CA SER A 246 2.97 8.89 18.30
C SER A 246 1.48 9.13 18.55
N GLU A 247 1.06 10.40 18.62
CA GLU A 247 -0.38 10.75 18.73
C GLU A 247 -1.15 10.28 17.49
N GLU A 248 -0.58 10.54 16.32
CA GLU A 248 -1.20 10.12 15.05
C GLU A 248 -1.23 8.60 14.90
N ARG A 249 -0.15 7.92 15.28
CA ARG A 249 -0.12 6.45 15.28
C ARG A 249 -1.15 5.90 16.27
N ARG A 250 -1.24 6.52 17.44
CA ARG A 250 -2.21 6.11 18.45
C ARG A 250 -3.63 6.15 17.90
N LYS A 251 -3.99 7.27 17.28
CA LYS A 251 -5.32 7.46 16.71
C LYS A 251 -5.66 6.37 15.69
N GLN A 252 -4.75 6.11 14.75
CA GLN A 252 -5.01 5.13 13.71
C GLN A 252 -5.01 3.69 14.22
N LEU A 253 -4.09 3.34 15.11
CA LEU A 253 -4.03 1.97 15.64
C LEU A 253 -5.25 1.63 16.50
N ARG A 254 -5.80 2.64 17.17
CA ARG A 254 -7.09 2.51 17.87
C ARG A 254 -8.25 2.37 16.87
N ASP A 255 -8.39 3.36 16.01
CA ASP A 255 -9.55 3.49 15.12
C ASP A 255 -9.66 2.35 14.10
N GLN A 256 -8.53 1.94 13.54
CA GLN A 256 -8.52 0.89 12.53
C GLN A 256 -8.23 -0.50 13.09
N TYR A 257 -7.26 -0.59 14.02
CA TYR A 257 -6.76 -1.88 14.47
C TYR A 257 -7.15 -2.29 15.90
N CYS A 258 -7.84 -1.41 16.60
CA CYS A 258 -8.34 -1.70 17.96
C CYS A 258 -7.27 -2.18 18.94
N PHE A 259 -6.11 -1.52 18.93
CA PHE A 259 -5.12 -1.78 19.98
C PHE A 259 -4.35 -0.54 20.40
N GLU A 260 -3.75 -0.66 21.60
CA GLU A 260 -2.96 0.38 22.22
C GLU A 260 -1.50 -0.10 22.13
N CYS A 261 -0.65 0.67 21.46
CA CYS A 261 0.72 0.22 21.23
C CYS A 261 1.58 0.50 22.45
N ASP A 262 2.19 -0.58 22.95
CA ASP A 262 3.09 -0.54 24.11
C ASP A 262 4.58 -0.46 23.75
N CYS A 263 4.94 -0.24 22.47
CA CYS A 263 6.35 -0.26 22.06
C CYS A 263 7.12 0.93 22.64
N PHE A 264 8.45 0.80 22.68
CA PHE A 264 9.32 1.85 23.23
C PHE A 264 9.12 3.22 22.59
N ARG A 265 8.99 3.24 21.26
CA ARG A 265 8.79 4.50 20.55
C ARG A 265 7.53 5.25 20.98
N CYS A 266 6.45 4.50 21.18
CA CYS A 266 5.20 5.10 21.65
C CYS A 266 5.31 5.55 23.11
N GLN A 267 5.97 4.78 23.95
CA GLN A 267 6.18 5.17 25.36
C GLN A 267 7.02 6.43 25.55
N THR A 268 7.98 6.67 24.65
CA THR A 268 8.89 7.81 24.76
C THR A 268 8.65 8.95 23.77
N GLN A 269 7.61 8.82 22.95
N GLN A 269 7.60 8.85 22.96
CA GLN A 269 7.31 9.79 21.89
CA GLN A 269 7.32 9.84 21.91
C GLN A 269 8.52 10.00 20.99
C GLN A 269 8.53 10.00 20.99
N ASP A 270 9.17 8.89 20.65
CA ASP A 270 10.42 8.86 19.88
C ASP A 270 10.30 9.58 18.54
N LYS A 271 11.07 10.67 18.42
CA LYS A 271 11.19 11.53 17.22
C LYS A 271 10.08 12.58 17.06
N ASP A 272 9.06 12.55 17.92
CA ASP A 272 7.90 13.45 17.78
C ASP A 272 8.30 14.92 17.72
N ALA A 273 9.18 15.33 18.65
CA ALA A 273 9.62 16.72 18.74
C ALA A 273 10.30 17.18 17.45
N ASP A 274 11.20 16.37 16.91
CA ASP A 274 11.89 16.71 15.66
C ASP A 274 10.91 16.77 14.47
N MET A 275 9.96 15.82 14.44
CA MET A 275 8.93 15.79 13.41
C MET A 275 8.07 17.06 13.33
N LEU A 276 7.90 17.77 14.45
CA LEU A 276 7.08 18.98 14.51
C LEU A 276 7.86 20.28 14.72
N THR A 277 9.12 20.31 14.29
CA THR A 277 9.90 21.56 14.34
C THR A 277 9.36 22.57 13.32
N GLY A 278 9.62 23.85 13.59
CA GLY A 278 9.08 24.95 12.81
C GLY A 278 7.92 25.63 13.51
N ASP A 279 7.37 26.67 12.89
CA ASP A 279 6.28 27.43 13.48
C ASP A 279 5.00 26.58 13.42
N GLU A 280 4.35 26.39 14.58
CA GLU A 280 3.15 25.54 14.66
C GLU A 280 2.01 26.05 13.80
N GLN A 281 1.80 27.36 13.76
CA GLN A 281 0.75 27.90 12.90
C GLN A 281 0.95 27.51 11.44
N VAL A 282 2.20 27.51 11.00
CA VAL A 282 2.53 27.20 9.61
C VAL A 282 2.32 25.72 9.29
N TRP A 283 2.87 24.80 10.10
CA TRP A 283 2.70 23.37 9.79
C TRP A 283 1.26 22.86 9.99
N LYS A 284 0.48 23.53 10.83
CA LYS A 284 -0.96 23.27 10.90
C LYS A 284 -1.66 23.55 9.56
N GLU A 285 -1.34 24.68 8.94
CA GLU A 285 -1.86 25.05 7.61
C GLU A 285 -1.42 24.06 6.53
N VAL A 286 -0.14 23.67 6.57
CA VAL A 286 0.41 22.73 5.60
C VAL A 286 -0.19 21.33 5.78
N GLN A 287 -0.33 20.88 7.02
CA GLN A 287 -1.02 19.62 7.31
C GLN A 287 -2.44 19.63 6.72
N GLU A 288 -3.17 20.72 6.93
CA GLU A 288 -4.49 20.89 6.33
C GLU A 288 -4.41 20.87 4.81
N SER A 289 -3.46 21.61 4.23
CA SER A 289 -3.27 21.63 2.77
C SER A 289 -2.95 20.25 2.18
N LEU A 290 -2.24 19.41 2.94
CA LEU A 290 -1.86 18.06 2.48
C LEU A 290 -3.03 17.12 2.20
N LYS A 291 -4.18 17.36 2.84
CA LYS A 291 -5.38 16.55 2.58
C LYS A 291 -5.75 16.65 1.11
N LYS A 292 -5.77 17.89 0.60
CA LYS A 292 -6.06 18.12 -0.83
C LYS A 292 -4.92 17.64 -1.73
N ILE A 293 -3.67 17.92 -1.32
CA ILE A 293 -2.50 17.49 -2.10
C ILE A 293 -2.48 15.97 -2.27
N GLU A 294 -2.73 15.26 -1.18
CA GLU A 294 -2.71 13.79 -1.21
C GLU A 294 -3.88 13.20 -2.02
N GLU A 295 -5.06 13.80 -1.93
CA GLU A 295 -6.21 13.43 -2.76
C GLU A 295 -5.87 13.60 -4.25
N LEU A 296 -5.30 14.76 -4.59
CA LEU A 296 -4.90 15.06 -5.96
C LEU A 296 -3.84 14.08 -6.46
N LYS A 297 -2.86 13.76 -5.62
CA LYS A 297 -1.85 12.75 -5.95
C LYS A 297 -2.48 11.37 -6.15
N ALA A 298 -3.42 11.00 -5.28
CA ALA A 298 -4.11 9.71 -5.35
C ALA A 298 -4.87 9.49 -6.68
N HIS A 299 -5.33 10.59 -7.27
CA HIS A 299 -5.95 10.59 -8.60
C HIS A 299 -4.98 11.00 -9.73
N TRP A 300 -3.69 11.01 -9.45
CA TRP A 300 -2.63 11.25 -10.45
C TRP A 300 -2.72 12.60 -11.17
N LYS A 301 -3.13 13.63 -10.44
N LYS A 301 -3.17 13.63 -10.44
CA LYS A 301 -3.29 14.98 -10.98
CA LYS A 301 -3.33 14.98 -10.96
C LYS A 301 -2.06 15.78 -10.65
C LYS A 301 -2.06 15.79 -10.66
N TRP A 302 -0.97 15.43 -11.33
CA TRP A 302 0.37 15.94 -11.00
C TRP A 302 0.55 17.46 -11.16
N GLU A 303 -0.07 18.04 -12.18
CA GLU A 303 -0.04 19.50 -12.37
C GLU A 303 -0.56 20.24 -11.15
N GLN A 304 -1.72 19.81 -10.66
CA GLN A 304 -2.35 20.46 -9.51
C GLN A 304 -1.60 20.16 -8.21
N VAL A 305 -1.08 18.95 -8.08
CA VAL A 305 -0.23 18.59 -6.93
C VAL A 305 0.97 19.55 -6.85
N LEU A 306 1.64 19.73 -7.99
CA LEU A 306 2.84 20.56 -8.04
C LEU A 306 2.56 22.01 -7.67
N ALA A 307 1.54 22.58 -8.30
CA ALA A 307 1.14 23.96 -8.02
C ALA A 307 0.87 24.22 -6.54
N MET A 308 0.18 23.28 -5.88
CA MET A 308 -0.08 23.40 -4.44
C MET A 308 1.20 23.27 -3.60
N CYS A 309 2.08 22.34 -3.97
CA CYS A 309 3.36 22.13 -3.27
C CYS A 309 4.33 23.31 -3.42
N GLN A 310 4.40 23.87 -4.63
CA GLN A 310 5.23 25.06 -4.89
C GLN A 310 4.82 26.26 -4.04
N ALA A 311 3.51 26.43 -3.83
CA ALA A 311 2.99 27.54 -3.04
C ALA A 311 3.40 27.45 -1.56
N ILE A 312 3.70 26.24 -1.09
CA ILE A 312 4.24 25.99 0.25
C ILE A 312 5.77 26.07 0.24
N ILE A 313 6.40 25.29 -0.63
CA ILE A 313 7.86 25.15 -0.64
C ILE A 313 8.55 26.49 -0.90
N SER A 314 8.02 27.26 -1.85
CA SER A 314 8.52 28.60 -2.17
C SER A 314 7.53 29.71 -1.79
N SER A 315 6.86 29.54 -0.66
CA SER A 315 5.94 30.55 -0.12
C SER A 315 6.64 31.89 0.12
N ASN A 316 5.92 33.00 -0.11
N ASN A 316 5.92 33.00 -0.11
CA ASN A 316 6.38 34.33 0.31
CA ASN A 316 6.39 34.30 0.33
C ASN A 316 6.13 34.55 1.81
C ASN A 316 6.33 34.38 1.87
N SER A 317 5.39 33.64 2.45
CA SER A 317 5.21 33.62 3.91
C SER A 317 6.18 32.62 4.56
N GLU A 318 6.13 32.53 5.89
CA GLU A 318 7.02 31.66 6.68
C GLU A 318 7.09 30.22 6.18
N ARG A 319 8.30 29.66 6.25
CA ARG A 319 8.61 28.32 5.77
C ARG A 319 9.02 27.40 6.91
N LEU A 320 9.01 26.11 6.62
CA LEU A 320 9.32 25.06 7.57
C LEU A 320 10.66 24.39 7.29
N PRO A 321 11.26 23.76 8.34
CA PRO A 321 12.41 22.90 8.10
C PRO A 321 12.01 21.61 7.38
N ASP A 322 12.94 21.05 6.62
CA ASP A 322 12.67 19.84 5.85
C ASP A 322 12.49 18.57 6.69
N ILE A 323 12.96 18.55 7.94
N ILE A 323 12.96 18.61 7.94
CA ILE A 323 12.70 17.43 8.86
CA ILE A 323 12.76 17.54 8.90
C ILE A 323 11.30 17.50 9.48
C ILE A 323 11.34 17.53 9.49
N ASN A 324 10.60 18.62 9.33
CA ASN A 324 9.17 18.68 9.70
C ASN A 324 8.41 17.73 8.78
N ILE A 325 7.63 16.81 9.35
CA ILE A 325 7.02 15.74 8.55
C ILE A 325 6.02 16.23 7.48
N TYR A 326 5.37 17.36 7.74
CA TYR A 326 4.39 17.90 6.78
C TYR A 326 5.11 18.60 5.63
N GLN A 327 6.14 19.38 5.94
CA GLN A 327 7.06 19.87 4.90
C GLN A 327 7.64 18.73 4.08
N LEU A 328 8.05 17.66 4.76
CA LEU A 328 8.71 16.54 4.11
C LEU A 328 7.79 15.79 3.14
N LYS A 329 6.53 15.59 3.54
CA LYS A 329 5.52 15.01 2.65
C LYS A 329 5.26 15.90 1.43
N VAL A 330 5.25 17.20 1.64
CA VAL A 330 5.08 18.19 0.55
C VAL A 330 6.24 18.12 -0.45
N LEU A 331 7.47 18.03 0.07
CA LEU A 331 8.66 17.86 -0.79
C LEU A 331 8.61 16.58 -1.61
N ASP A 332 8.20 15.48 -0.98
CA ASP A 332 8.12 14.19 -1.65
C ASP A 332 7.05 14.19 -2.76
N CYS A 333 5.88 14.76 -2.46
CA CYS A 333 4.80 14.89 -3.44
C CYS A 333 5.22 15.77 -4.62
N ALA A 334 5.94 16.85 -4.31
CA ALA A 334 6.45 17.77 -5.33
C ALA A 334 7.44 17.07 -6.24
N MET A 335 8.31 16.26 -5.65
CA MET A 335 9.28 15.48 -6.38
C MET A 335 8.62 14.53 -7.37
N ASP A 336 7.69 13.71 -6.89
CA ASP A 336 6.98 12.78 -7.76
C ASP A 336 6.20 13.49 -8.86
N ALA A 337 5.63 14.66 -8.55
CA ALA A 337 4.93 15.45 -9.58
C ALA A 337 5.91 15.89 -10.65
N CYS A 338 7.03 16.47 -10.22
CA CYS A 338 8.09 16.91 -11.15
C CYS A 338 8.65 15.75 -11.98
N ILE A 339 8.83 14.58 -11.37
CA ILE A 339 9.25 13.38 -12.10
C ILE A 339 8.29 13.05 -13.24
N ASN A 340 6.99 13.08 -12.95
CA ASN A 340 5.97 12.73 -13.93
C ASN A 340 5.61 13.87 -14.90
N LEU A 341 6.01 15.10 -14.60
CA LEU A 341 5.86 16.20 -15.54
C LEU A 341 7.15 16.45 -16.34
N GLY A 342 8.15 15.59 -16.16
CA GLY A 342 9.46 15.76 -16.81
C GLY A 342 10.21 17.02 -16.39
N LEU A 343 9.97 17.51 -15.17
CA LEU A 343 10.70 18.64 -14.63
C LEU A 343 11.80 18.07 -13.73
N LEU A 344 12.84 17.53 -14.35
CA LEU A 344 13.79 16.66 -13.66
C LEU A 344 14.82 17.37 -12.78
N GLU A 345 15.18 18.59 -13.15
CA GLU A 345 16.06 19.43 -12.33
C GLU A 345 15.35 19.78 -11.03
N GLU A 346 14.10 20.21 -11.18
CA GLU A 346 13.27 20.62 -10.04
C GLU A 346 12.95 19.41 -9.16
N ALA A 347 12.67 18.26 -9.77
CA ALA A 347 12.50 16.98 -9.04
C ALA A 347 13.71 16.65 -8.18
N LEU A 348 14.90 16.84 -8.75
CA LEU A 348 16.13 16.52 -8.04
C LEU A 348 16.37 17.46 -6.85
N PHE A 349 16.02 18.74 -7.00
CA PHE A 349 16.13 19.69 -5.90
C PHE A 349 15.29 19.21 -4.71
N TYR A 350 14.05 18.85 -4.98
CA TYR A 350 13.15 18.35 -3.93
C TYR A 350 13.61 17.00 -3.36
N GLY A 351 13.96 16.06 -4.24
CA GLY A 351 14.39 14.73 -3.82
C GLY A 351 15.63 14.74 -2.95
N THR A 352 16.61 15.55 -3.34
CA THR A 352 17.85 15.73 -2.59
CA THR A 352 17.84 15.64 -2.56
C THR A 352 17.57 16.22 -1.17
N ARG A 353 16.66 17.18 -1.06
CA ARG A 353 16.26 17.74 0.23
C ARG A 353 15.61 16.71 1.17
N THR A 354 14.95 15.69 0.62
CA THR A 354 14.35 14.61 1.43
C THR A 354 15.35 13.57 1.97
N MET A 355 16.59 13.55 1.47
CA MET A 355 17.52 12.46 1.78
C MET A 355 17.90 12.34 3.26
N GLU A 356 18.32 13.45 3.87
CA GLU A 356 18.71 13.42 5.29
C GLU A 356 17.50 13.14 6.21
N PRO A 357 16.38 13.86 6.01
CA PRO A 357 15.18 13.47 6.76
C PRO A 357 14.80 11.99 6.63
N TYR A 358 14.84 11.44 5.41
CA TYR A 358 14.57 10.00 5.20
C TYR A 358 15.55 9.08 5.92
N ARG A 359 16.83 9.46 5.96
CA ARG A 359 17.82 8.68 6.73
C ARG A 359 17.44 8.60 8.22
N ILE A 360 16.97 9.71 8.78
CA ILE A 360 16.56 9.78 10.18
C ILE A 360 15.26 9.00 10.42
N PHE A 361 14.24 9.26 9.61
CA PHE A 361 12.89 8.71 9.84
C PHE A 361 12.64 7.29 9.31
N PHE A 362 13.56 6.75 8.53
CA PHE A 362 13.49 5.36 8.06
C PHE A 362 14.76 4.59 8.47
N PRO A 363 14.96 4.35 9.79
CA PRO A 363 16.20 3.73 10.28
C PRO A 363 16.43 2.30 9.80
N GLY A 364 17.69 1.89 9.74
CA GLY A 364 18.06 0.55 9.30
C GLY A 364 17.74 0.35 7.83
N SER A 365 17.04 -0.76 7.52
CA SER A 365 16.66 -1.12 6.15
C SER A 365 15.15 -1.06 5.97
N HIS A 366 14.68 -0.03 5.27
CA HIS A 366 13.27 0.20 5.01
C HIS A 366 13.08 0.40 3.50
N PRO A 367 12.15 -0.35 2.86
CA PRO A 367 11.98 -0.28 1.40
C PRO A 367 11.67 1.12 0.83
N VAL A 368 10.92 1.91 1.59
CA VAL A 368 10.56 3.29 1.23
C VAL A 368 11.79 4.20 1.10
N ARG A 369 12.76 4.06 2.01
CA ARG A 369 14.02 4.81 1.89
C ARG A 369 14.83 4.29 0.70
N GLY A 370 14.92 2.97 0.56
CA GLY A 370 15.63 2.36 -0.57
C GLY A 370 15.15 2.91 -1.90
N VAL A 371 13.84 2.98 -2.06
CA VAL A 371 13.19 3.53 -3.25
C VAL A 371 13.51 5.03 -3.44
N GLN A 372 13.42 5.82 -2.36
CA GLN A 372 13.70 7.27 -2.42
C GLN A 372 15.11 7.55 -2.90
N VAL A 373 16.07 6.80 -2.38
CA VAL A 373 17.49 6.95 -2.74
C VAL A 373 17.68 6.56 -4.20
N MET A 374 17.05 5.47 -4.62
CA MET A 374 17.08 5.05 -6.03
C MET A 374 16.51 6.12 -6.98
N LYS A 375 15.44 6.79 -6.56
N LYS A 375 15.45 6.81 -6.58
CA LYS A 375 14.82 7.87 -7.35
CA LYS A 375 14.86 7.86 -7.40
C LYS A 375 15.77 9.06 -7.54
C LYS A 375 15.79 9.06 -7.55
N VAL A 376 16.42 9.47 -6.45
CA VAL A 376 17.39 10.55 -6.46
C VAL A 376 18.62 10.16 -7.29
N GLY A 377 19.13 8.94 -7.10
CA GLY A 377 20.22 8.40 -7.91
C GLY A 377 19.89 8.34 -9.40
N LYS A 378 18.68 7.87 -9.71
CA LYS A 378 18.20 7.82 -11.10
C LYS A 378 18.13 9.23 -11.74
N LEU A 379 17.65 10.22 -10.98
CA LEU A 379 17.58 11.61 -11.45
C LEU A 379 18.96 12.20 -11.70
N GLN A 380 19.89 11.91 -10.81
CA GLN A 380 21.28 12.36 -10.96
C GLN A 380 21.97 11.68 -12.14
N LEU A 381 21.75 10.38 -12.31
CA LEU A 381 22.28 9.64 -13.45
C LEU A 381 21.88 10.29 -14.77
N HIS A 382 20.60 10.58 -14.92
CA HIS A 382 20.09 11.10 -16.17
C HIS A 382 20.41 12.59 -16.40
N GLN A 383 20.80 13.32 -15.36
CA GLN A 383 21.40 14.66 -15.53
C GLN A 383 22.93 14.64 -15.65
N GLY A 384 23.51 13.45 -15.73
CA GLY A 384 24.94 13.27 -15.98
C GLY A 384 25.81 13.56 -14.78
N MET A 385 25.23 13.47 -13.58
CA MET A 385 25.96 13.65 -12.33
C MET A 385 26.44 12.27 -11.92
N PHE A 386 27.34 11.74 -12.72
CA PHE A 386 27.68 10.31 -12.72
C PHE A 386 28.30 9.82 -11.40
N PRO A 387 29.20 10.61 -10.78
CA PRO A 387 29.73 10.12 -9.48
C PRO A 387 28.77 10.19 -8.28
N GLN A 388 27.96 11.24 -8.15
CA GLN A 388 26.95 11.30 -7.07
C GLN A 388 25.90 10.22 -7.23
N ALA A 389 25.52 9.98 -8.48
CA ALA A 389 24.54 8.95 -8.84
C ALA A 389 25.01 7.56 -8.44
N MET A 390 26.29 7.26 -8.68
CA MET A 390 26.83 5.94 -8.35
C MET A 390 26.76 5.68 -6.85
N LYS A 391 27.11 6.70 -6.06
CA LYS A 391 27.05 6.63 -4.60
C LYS A 391 25.62 6.33 -4.12
N ASN A 392 24.64 7.07 -4.64
CA ASN A 392 23.24 6.87 -4.27
C ASN A 392 22.70 5.53 -4.77
N LEU A 393 23.00 5.16 -6.01
CA LEU A 393 22.52 3.87 -6.53
C LEU A 393 23.12 2.69 -5.75
N ARG A 394 24.39 2.77 -5.36
CA ARG A 394 24.99 1.75 -4.47
C ARG A 394 24.36 1.74 -3.10
N LEU A 395 24.07 2.93 -2.56
CA LEU A 395 23.38 3.03 -1.27
C LEU A 395 21.97 2.43 -1.37
N ALA A 396 21.26 2.77 -2.45
CA ALA A 396 19.94 2.18 -2.71
C ALA A 396 20.03 0.65 -2.80
N PHE A 397 21.11 0.13 -3.40
CA PHE A 397 21.29 -1.32 -3.50
C PHE A 397 21.56 -1.97 -2.15
N ASP A 398 22.34 -1.31 -1.30
CA ASP A 398 22.64 -1.83 0.04
CA ASP A 398 22.64 -1.85 0.03
C ASP A 398 21.37 -1.97 0.89
N ILE A 399 20.42 -1.06 0.69
CA ILE A 399 19.13 -1.10 1.38
C ILE A 399 18.23 -2.15 0.70
N MET A 400 18.09 -2.03 -0.61
CA MET A 400 17.16 -2.86 -1.38
C MET A 400 17.52 -4.35 -1.53
N ARG A 401 18.80 -4.69 -1.42
N ARG A 401 18.80 -4.69 -1.41
CA ARG A 401 19.22 -6.08 -1.35
CA ARG A 401 19.22 -6.10 -1.34
C ARG A 401 18.60 -6.76 -0.12
C ARG A 401 18.59 -6.77 -0.12
N VAL A 402 18.39 -5.99 0.96
CA VAL A 402 17.68 -6.46 2.16
C VAL A 402 16.15 -6.36 2.03
N THR A 403 15.64 -5.22 1.59
CA THR A 403 14.19 -4.94 1.62
C THR A 403 13.40 -5.49 0.41
N HIS A 404 14.09 -5.65 -0.72
CA HIS A 404 13.46 -6.10 -1.97
C HIS A 404 13.98 -7.49 -2.36
N GLY A 405 15.30 -7.64 -2.42
CA GLY A 405 15.92 -8.91 -2.75
C GLY A 405 15.89 -9.25 -4.22
N ARG A 406 16.56 -10.34 -4.56
CA ARG A 406 16.70 -10.76 -5.95
C ARG A 406 15.39 -11.23 -6.61
N GLU A 407 14.39 -11.56 -5.81
CA GLU A 407 13.07 -11.97 -6.30
C GLU A 407 12.20 -10.80 -6.78
N HIS A 408 12.59 -9.57 -6.43
CA HIS A 408 11.86 -8.37 -6.83
C HIS A 408 12.47 -7.81 -8.12
N SER A 409 11.61 -7.49 -9.08
CA SER A 409 12.05 -7.05 -10.41
C SER A 409 12.71 -5.67 -10.43
N LEU A 410 12.31 -4.77 -9.55
CA LEU A 410 13.02 -3.50 -9.28
C LEU A 410 14.53 -3.62 -8.98
N ILE A 411 14.95 -4.73 -8.36
CA ILE A 411 16.39 -4.98 -8.13
C ILE A 411 17.11 -5.19 -9.46
N GLU A 412 16.47 -5.89 -10.39
CA GLU A 412 17.03 -6.11 -11.73
C GLU A 412 17.17 -4.79 -12.47
N ASP A 413 16.17 -3.91 -12.34
CA ASP A 413 16.24 -2.53 -12.85
C ASP A 413 17.40 -1.75 -12.23
N LEU A 414 17.60 -1.93 -10.92
CA LEU A 414 18.66 -1.24 -10.20
C LEU A 414 20.04 -1.77 -10.60
N ILE A 415 20.15 -3.09 -10.78
CA ILE A 415 21.38 -3.70 -11.30
C ILE A 415 21.79 -3.10 -12.65
N LEU A 416 20.81 -2.86 -13.52
CA LEU A 416 21.07 -2.24 -14.83
C LEU A 416 21.55 -0.79 -14.72
N LEU A 417 20.94 -0.03 -13.81
CA LEU A 417 21.37 1.36 -13.58
C LEU A 417 22.75 1.46 -12.97
N LEU A 418 23.15 0.46 -12.18
CA LEU A 418 24.53 0.42 -11.67
C LEU A 418 25.50 0.23 -12.84
N GLU A 419 25.26 -0.74 -13.72
CA GLU A 419 26.04 -0.89 -14.97
C GLU A 419 26.09 0.39 -15.82
N GLU A 420 24.91 0.94 -16.12
CA GLU A 420 24.75 2.11 -17.01
C GLU A 420 25.48 3.34 -16.49
N CYS A 421 25.39 3.57 -15.19
CA CYS A 421 26.09 4.70 -14.56
C CYS A 421 27.59 4.41 -14.45
N ASP A 422 27.91 3.18 -14.04
CA ASP A 422 29.30 2.68 -13.98
C ASP A 422 30.00 2.77 -15.35
N ALA A 423 29.27 2.48 -16.42
CA ALA A 423 29.84 2.56 -17.77
C ALA A 423 30.16 4.00 -18.20
N ASN A 424 29.36 4.97 -17.77
CA ASN A 424 29.59 6.38 -18.15
C ASN A 424 30.84 7.00 -17.48
N ILE A 425 31.12 6.70 -16.20
CA ILE A 425 32.37 7.15 -15.56
C ILE A 425 33.43 6.06 -15.46
N ARG A 426 33.18 5.06 -14.61
CA ARG A 426 34.19 4.07 -14.26
C ARG A 426 34.35 3.06 -15.39
ZN ZN B . -1.51 -5.42 -17.00
ZN ZN C . 4.36 1.79 18.95
ZN ZN D . -15.93 -6.76 -17.10
ZN ZN D . -16.16 -5.97 -17.05
N SAM E . -3.04 -10.86 16.04
CA SAM E . -3.79 -10.99 14.80
C SAM E . -4.57 -12.28 14.76
O SAM E . -5.12 -12.64 13.69
OXT SAM E . -4.68 -12.94 15.82
CB SAM E . -2.84 -10.91 13.59
CG SAM E . -2.54 -9.48 13.11
SD SAM E . -3.82 -8.70 12.36
CE SAM E . -3.37 -8.20 10.83
C5' SAM E . -4.21 -7.26 13.10
C4' SAM E . -4.70 -7.34 14.55
O4' SAM E . -3.73 -7.92 15.43
C3' SAM E . -5.00 -5.97 15.15
O3' SAM E . -6.26 -5.45 14.75
C2' SAM E . -4.88 -6.25 16.64
O2' SAM E . -6.04 -6.93 17.13
C1' SAM E . -3.71 -7.21 16.67
N9 SAM E . -2.40 -6.55 16.83
C8 SAM E . -1.50 -6.33 15.85
N7 SAM E . -0.38 -5.74 16.35
C5 SAM E . -0.56 -5.57 17.67
C6 SAM E . 0.21 -5.00 18.79
N6 SAM E . 1.45 -4.48 18.61
N1 SAM E . -0.36 -5.03 20.03
C2 SAM E . -1.60 -5.55 20.23
N3 SAM E . -2.35 -6.09 19.24
C4 SAM E . -1.90 -6.11 17.97
N01 8WD F . 3.70 8.14 0.74
C04 8WD F . 4.01 6.93 1.50
C06 8WD F . 2.74 6.31 2.13
C09 8WD F . 3.09 5.05 2.93
C12 8WD F . 3.85 4.02 2.10
C14 8WD F . 5.08 4.65 1.41
C17 8WD F . 4.71 5.90 0.62
S20 8WD F . 4.40 2.61 3.06
O21 8WD F . 5.10 3.15 4.20
O22 8WD F . 5.09 1.69 2.17
N23 8WD F . 3.02 1.87 3.60
C24 8WD F . 2.63 0.53 3.10
C26 8WD F . 3.20 -0.37 4.21
C29 8WD F . 3.24 0.54 5.45
C32 8WD F . 2.64 1.89 5.02
C34 8WD F . 1.10 2.01 5.06
C37 8WD F . 0.39 0.86 4.32
C39 8WD F . 1.09 0.51 3.00
N42 8WD F . 0.26 -0.33 5.16
C44 8WD F . -0.53 -1.45 5.03
O45 8WD F . -1.27 -1.48 4.04
C46 8WD F . -0.48 -2.55 5.96
N47 8WD F . 0.71 -2.99 6.41
O48 8WD F . 0.46 -4.05 7.27
C49 8WD F . -0.87 -4.25 7.32
C50 8WD F . -1.52 -3.35 6.53
C52 8WD F . -1.48 -5.30 8.15
C54 8WD F . -2.67 -6.06 7.63
C57 8WD F . -2.86 -5.05 8.72
C1 PEG G . 9.39 33.45 8.62
O1 PEG G . 8.09 33.87 9.02
C2 PEG G . 10.27 34.66 8.73
O2 PEG G . 9.50 35.69 9.35
C3 PEG G . 9.50 36.97 8.72
C4 PEG G . 9.30 37.97 9.86
O4 PEG G . 9.08 39.28 9.34
S DMS H . -5.64 0.45 4.21
O DMS H . -6.81 0.68 5.10
C1 DMS H . -4.30 -0.05 5.13
C2 DMS H . -5.90 -0.97 3.31
S DMS I . -20.47 3.66 2.31
O DMS I . -20.73 2.67 1.25
C1 DMS I . -18.79 3.80 2.64
C2 DMS I . -20.66 5.22 1.64
C1 EDO J . 11.05 3.24 -8.96
O1 EDO J . 10.87 2.67 -7.66
C2 EDO J . 11.33 4.73 -8.82
O2 EDO J . 12.45 5.11 -9.64
C1 EDO K . -17.07 4.61 10.56
O1 EDO K . -16.59 3.77 9.51
C2 EDO K . -15.90 5.01 11.46
O2 EDO K . -16.34 5.31 12.80
C1 EDO L . 22.87 5.34 6.21
O1 EDO L . 22.23 4.06 6.19
C2 EDO L . 23.32 5.71 4.81
O2 EDO L . 23.21 7.11 4.52
#